data_4JN0
#
_entry.id   4JN0
#
_cell.length_a   106.070
_cell.length_b   74.560
_cell.length_c   50.900
_cell.angle_alpha   90.000
_cell.angle_beta   90.000
_cell.angle_gamma   90.000
#
_symmetry.space_group_name_H-M   'P 21 21 21'
#
loop_
_entity.id
_entity.type
_entity.pdbx_description
1 polymer 'Cytochrome c peroxidase'
2 non-polymer 'PROTOPORPHYRIN IX CONTAINING FE'
3 non-polymer 1H-pyrrolo[3,2-b]pyridine-6-carbaldehyde
4 water water
#
_entity_poly.entity_id   1
_entity_poly.type   'polypeptide(L)'
_entity_poly.pdbx_seq_one_letter_code
;LVHVASVEKGRSYEDFQKVYNAIALKLREDDEYDNYIGYGPVLVRLAWHISGTWDKHDNTGGSYGGTYRFKKEFNDPSNA
GLQNGFKFLEPIHKEFPWISSGDLFSLGGVTAVQEMQGPKIPWRCGRVDTPEDTTPDNGRLPDADKDAGYVRTFFQRLNM
NDREVVALMGAHALGKTHLKNSGYEGGGANNVFTNEFYLNLLNEDWKLEKNDANNEQWDSKSGYMMLPTDYSLIQDPKYL
SIVKEYANDQDKFFKDFSKAFEKLLENGITFPKDAPSPFIFKTLEEQGL
;
_entity_poly.pdbx_strand_id   A
#
loop_
_chem_comp.id
_chem_comp.type
_chem_comp.name
_chem_comp.formula
1MJ non-polymer 1H-pyrrolo[3,2-b]pyridine-6-carbaldehyde 'C8 H6 N2 O'
HEM non-polymer 'PROTOPORPHYRIN IX CONTAINING FE' 'C34 H32 Fe N4 O4'
#
# COMPACT_ATOMS: atom_id res chain seq x y z
N LEU A 1 -19.20 -14.61 5.99
CA LEU A 1 -18.12 -14.33 6.92
C LEU A 1 -18.20 -12.90 7.45
N VAL A 2 -18.39 -12.77 8.76
CA VAL A 2 -18.40 -11.45 9.40
C VAL A 2 -17.19 -11.30 10.31
N HIS A 3 -16.45 -10.21 10.13
CA HIS A 3 -15.31 -9.91 10.99
C HIS A 3 -15.56 -8.62 11.73
N VAL A 4 -15.87 -8.72 13.02
CA VAL A 4 -16.18 -7.54 13.81
C VAL A 4 -14.92 -6.97 14.44
N ALA A 5 -14.69 -5.68 14.22
CA ALA A 5 -13.56 -5.01 14.83
C ALA A 5 -13.65 -5.10 16.35
N SER A 6 -12.55 -5.49 16.99
CA SER A 6 -12.52 -5.58 18.44
C SER A 6 -11.30 -4.85 18.95
N VAL A 7 -11.52 -3.72 19.60
CA VAL A 7 -10.42 -2.90 20.08
C VAL A 7 -9.55 -3.68 21.05
N GLU A 8 -8.24 -3.67 20.81
CA GLU A 8 -7.28 -4.30 21.73
C GLU A 8 -7.56 -3.80 23.14
N LYS A 9 -7.67 -4.73 24.08
CA LYS A 9 -8.27 -4.41 25.37
C LYS A 9 -7.69 -3.18 26.04
N GLY A 10 -8.55 -2.21 26.32
CA GLY A 10 -8.17 -1.03 27.08
C GLY A 10 -7.35 -0.01 26.30
N ARG A 11 -7.08 -0.30 25.03
CA ARG A 11 -6.25 0.60 24.24
C ARG A 11 -7.03 1.80 23.70
N SER A 12 -6.34 2.93 23.59
CA SER A 12 -6.94 4.13 23.04
C SER A 12 -5.97 4.81 22.07
N TYR A 13 -6.34 5.99 21.61
CA TYR A 13 -5.54 6.73 20.62
C TYR A 13 -4.07 6.82 20.98
N GLU A 14 -3.78 7.18 22.23
CA GLU A 14 -2.42 7.38 22.67
C GLU A 14 -1.59 6.12 22.49
N ASP A 15 -2.19 4.96 22.74
CA ASP A 15 -1.46 3.69 22.51
C ASP A 15 -1.04 3.54 21.05
N PHE A 16 -1.96 3.82 20.13
CA PHE A 16 -1.65 3.62 18.72
C PHE A 16 -0.72 4.71 18.20
N GLN A 17 -0.80 5.91 18.77
CA GLN A 17 0.15 6.95 18.42
C GLN A 17 1.56 6.53 18.86
N LYS A 18 1.66 5.85 20.00
CA LYS A 18 2.96 5.36 20.43
C LYS A 18 3.52 4.37 19.43
N VAL A 19 2.66 3.49 18.91
CA VAL A 19 3.08 2.51 17.91
C VAL A 19 3.48 3.20 16.61
N TYR A 20 2.62 4.11 16.15
CA TYR A 20 2.95 4.98 15.00
C TYR A 20 4.31 5.61 15.20
N ASN A 21 4.54 6.21 16.36
CA ASN A 21 5.81 6.86 16.62
C ASN A 21 6.99 5.90 16.52
N ALA A 22 6.83 4.69 17.05
CA ALA A 22 7.92 3.73 17.03
C ALA A 22 8.25 3.34 15.59
N ILE A 23 7.22 3.13 14.79
CA ILE A 23 7.40 2.86 13.37
C ILE A 23 8.09 4.02 12.66
N ALA A 24 7.60 5.23 12.90
CA ALA A 24 8.16 6.43 12.24
C ALA A 24 9.62 6.67 12.64
N LEU A 25 9.93 6.46 13.91
CA LEU A 25 11.30 6.65 14.37
C LEU A 25 12.24 5.64 13.72
N LYS A 26 11.76 4.42 13.55
CA LYS A 26 12.57 3.37 12.92
C LYS A 26 12.72 3.63 11.43
N LEU A 27 11.67 4.18 10.81
CA LEU A 27 11.74 4.58 9.40
C LEU A 27 12.87 5.58 9.23
N ARG A 28 12.94 6.51 10.16
CA ARG A 28 13.97 7.54 10.17
C ARG A 28 15.35 6.92 10.39
N GLU A 29 15.44 5.96 11.32
CA GLU A 29 16.71 5.35 11.71
C GLU A 29 17.30 4.41 10.65
N ASP A 30 16.46 3.57 10.06
CA ASP A 30 16.92 2.57 9.10
C ASP A 30 16.90 3.13 7.69
N ASP A 31 17.64 4.22 7.49
CA ASP A 31 17.56 5.00 6.26
C ASP A 31 18.33 4.39 5.09
N GLU A 32 19.16 3.39 5.38
CA GLU A 32 20.05 2.81 4.36
C GLU A 32 19.33 1.85 3.42
N TYR A 33 18.27 1.21 3.92
CA TYR A 33 17.57 0.16 3.19
C TYR A 33 17.28 0.51 1.72
N ASP A 34 17.48 -0.46 0.84
CA ASP A 34 17.18 -0.31 -0.59
C ASP A 34 17.84 0.92 -1.20
N ASN A 35 19.16 1.02 -1.05
CA ASN A 35 19.90 2.14 -1.62
CA ASN A 35 19.91 2.14 -1.60
C ASN A 35 19.36 3.49 -1.15
N TYR A 36 19.09 3.58 0.15
CA TYR A 36 18.66 4.83 0.78
C TYR A 36 17.25 5.27 0.42
N ILE A 37 16.46 4.37 -0.14
CA ILE A 37 15.04 4.63 -0.28
C ILE A 37 14.40 4.59 1.11
N GLY A 38 14.86 3.68 1.96
CA GLY A 38 14.27 3.50 3.27
C GLY A 38 13.07 2.58 3.17
N TYR A 39 12.46 2.28 4.31
CA TYR A 39 11.40 1.28 4.38
C TYR A 39 10.00 1.80 4.05
N GLY A 40 9.89 3.09 3.78
CA GLY A 40 8.58 3.68 3.56
C GLY A 40 7.77 2.96 2.49
N PRO A 41 8.30 2.91 1.27
CA PRO A 41 7.56 2.29 0.16
C PRO A 41 7.19 0.83 0.42
N VAL A 42 8.11 0.03 0.94
CA VAL A 42 7.79 -1.39 1.16
C VAL A 42 6.71 -1.58 2.22
N LEU A 43 6.65 -0.68 3.21
CA LEU A 43 5.58 -0.74 4.21
C LEU A 43 4.21 -0.40 3.61
N VAL A 44 4.20 0.57 2.71
CA VAL A 44 2.95 0.88 2.02
C VAL A 44 2.52 -0.31 1.18
N ARG A 45 3.45 -0.89 0.45
CA ARG A 45 3.11 -2.06 -0.36
C ARG A 45 2.62 -3.21 0.52
N LEU A 46 3.28 -3.42 1.66
CA LEU A 46 2.84 -4.46 2.58
C LEU A 46 1.38 -4.26 3.02
N ALA A 47 1.03 -3.04 3.43
CA ALA A 47 -0.34 -2.78 3.89
C ALA A 47 -1.35 -3.08 2.78
N TRP A 48 -0.95 -2.76 1.55
CA TRP A 48 -1.82 -2.99 0.39
C TRP A 48 -1.95 -4.48 0.09
N HIS A 49 -0.84 -5.21 0.09
CA HIS A 49 -0.90 -6.64 -0.19
C HIS A 49 -1.62 -7.45 0.88
N ILE A 50 -1.53 -7.06 2.14
CA ILE A 50 -2.27 -7.80 3.15
C ILE A 50 -3.77 -7.49 3.05
N SER A 51 -4.10 -6.35 2.43
CA SER A 51 -5.50 -5.96 2.27
C SER A 51 -6.07 -6.45 0.94
N GLY A 52 -5.21 -6.52 -0.07
CA GLY A 52 -5.63 -6.77 -1.44
C GLY A 52 -6.03 -8.19 -1.74
N THR A 53 -5.96 -9.05 -0.72
CA THR A 53 -6.41 -10.42 -0.86
C THR A 53 -7.92 -10.51 -0.66
N TRP A 54 -8.54 -9.41 -0.26
CA TRP A 54 -9.96 -9.41 0.05
C TRP A 54 -10.81 -9.81 -1.15
N ASP A 55 -11.91 -10.52 -0.87
CA ASP A 55 -12.89 -10.82 -1.89
C ASP A 55 -14.26 -10.40 -1.37
N LYS A 56 -14.85 -9.38 -1.99
CA LYS A 56 -16.11 -8.82 -1.52
C LYS A 56 -17.24 -9.85 -1.53
N HIS A 57 -17.07 -10.92 -2.28
CA HIS A 57 -18.14 -11.88 -2.50
C HIS A 57 -18.41 -12.76 -1.29
N ASP A 58 -17.36 -13.14 -0.59
CA ASP A 58 -17.50 -14.05 0.54
C ASP A 58 -16.73 -13.55 1.76
N ASN A 59 -16.20 -12.33 1.63
CA ASN A 59 -15.40 -11.71 2.69
C ASN A 59 -14.22 -12.55 3.17
N THR A 60 -13.63 -13.31 2.26
CA THR A 60 -12.37 -13.99 2.55
C THR A 60 -11.24 -13.01 2.30
N GLY A 61 -10.06 -13.33 2.80
CA GLY A 61 -8.92 -12.43 2.68
C GLY A 61 -9.14 -11.16 3.48
N GLY A 62 -8.48 -10.07 3.08
CA GLY A 62 -8.62 -8.81 3.77
C GLY A 62 -7.62 -8.65 4.90
N SER A 63 -7.50 -7.44 5.42
CA SER A 63 -6.47 -7.12 6.42
C SER A 63 -6.80 -7.68 7.79
N TYR A 64 -8.08 -7.94 8.03
CA TYR A 64 -8.56 -8.25 9.38
C TYR A 64 -7.75 -9.32 10.10
N GLY A 65 -7.55 -10.46 9.44
CA GLY A 65 -7.01 -11.64 10.10
C GLY A 65 -5.51 -11.67 10.31
N GLY A 66 -4.81 -10.68 9.74
CA GLY A 66 -3.36 -10.63 9.85
C GLY A 66 -2.69 -11.87 9.31
N THR A 67 -3.25 -12.46 8.27
CA THR A 67 -2.82 -13.78 7.81
C THR A 67 -1.47 -13.80 7.09
N TYR A 68 -0.96 -12.64 6.73
CA TYR A 68 0.34 -12.57 6.09
C TYR A 68 1.41 -13.22 6.97
N ARG A 69 1.15 -13.31 8.27
CA ARG A 69 2.12 -13.91 9.18
C ARG A 69 2.27 -15.42 8.95
N PHE A 70 1.35 -15.99 8.18
CA PHE A 70 1.39 -17.42 7.90
C PHE A 70 2.11 -17.73 6.59
N LYS A 71 2.85 -18.84 6.57
CA LYS A 71 3.75 -19.13 5.47
C LYS A 71 3.08 -19.15 4.10
N LYS A 72 1.84 -19.63 4.01
CA LYS A 72 1.23 -19.69 2.69
C LYS A 72 1.20 -18.28 2.07
N GLU A 73 0.81 -17.29 2.87
CA GLU A 73 0.69 -15.93 2.37
C GLU A 73 2.03 -15.23 2.32
N PHE A 74 2.83 -15.41 3.37
CA PHE A 74 4.18 -14.86 3.45
C PHE A 74 4.96 -15.28 2.21
N ASN A 75 4.71 -16.51 1.74
CA ASN A 75 5.45 -17.08 0.62
C ASN A 75 4.78 -16.91 -0.74
N ASP A 76 3.63 -16.23 -0.77
CA ASP A 76 3.00 -15.88 -2.05
C ASP A 76 4.02 -15.20 -2.96
N PRO A 77 4.23 -15.75 -4.17
CA PRO A 77 5.15 -15.11 -5.12
C PRO A 77 4.82 -13.62 -5.32
N SER A 78 3.54 -13.28 -5.25
CA SER A 78 3.11 -11.88 -5.41
C SER A 78 3.65 -11.00 -4.30
N ASN A 79 4.02 -11.63 -3.18
CA ASN A 79 4.52 -10.89 -2.02
C ASN A 79 6.04 -10.86 -1.90
N ALA A 80 6.72 -11.33 -2.93
CA ALA A 80 8.18 -11.37 -2.88
C ALA A 80 8.73 -9.98 -2.58
N GLY A 81 9.60 -9.91 -1.58
CA GLY A 81 10.19 -8.65 -1.18
C GLY A 81 9.56 -8.04 0.08
N LEU A 82 8.31 -8.43 0.36
CA LEU A 82 7.60 -7.85 1.48
C LEU A 82 8.13 -8.35 2.82
N GLN A 83 8.88 -9.45 2.78
CA GLN A 83 9.50 -9.98 4.01
C GLN A 83 10.36 -8.92 4.69
N ASN A 84 10.90 -7.99 3.90
CA ASN A 84 11.68 -6.89 4.43
C ASN A 84 10.84 -5.95 5.28
N GLY A 85 9.62 -5.71 4.84
CA GLY A 85 8.68 -4.91 5.62
C GLY A 85 8.30 -5.62 6.90
N PHE A 86 8.08 -6.92 6.79
CA PHE A 86 7.70 -7.72 7.95
C PHE A 86 8.83 -7.73 8.98
N LYS A 87 10.06 -7.87 8.50
CA LYS A 87 11.22 -7.87 9.39
C LYS A 87 11.37 -6.51 10.05
N PHE A 88 11.10 -5.45 9.30
CA PHE A 88 11.14 -4.10 9.83
C PHE A 88 10.18 -3.98 11.01
N LEU A 89 9.00 -4.57 10.86
CA LEU A 89 7.94 -4.41 11.85
C LEU A 89 8.07 -5.36 13.05
N GLU A 90 8.91 -6.39 12.91
CA GLU A 90 9.10 -7.36 13.98
C GLU A 90 9.43 -6.72 15.33
N PRO A 91 10.44 -5.84 15.36
CA PRO A 91 10.78 -5.25 16.67
C PRO A 91 9.68 -4.32 17.19
N ILE A 92 8.86 -3.79 16.29
CA ILE A 92 7.74 -2.96 16.72
C ILE A 92 6.72 -3.86 17.42
N HIS A 93 6.49 -5.02 16.83
CA HIS A 93 5.53 -5.94 17.41
C HIS A 93 6.03 -6.50 18.74
N LYS A 94 7.34 -6.69 18.85
CA LYS A 94 7.93 -7.11 20.11
C LYS A 94 7.73 -6.05 21.19
N GLU A 95 7.87 -4.78 20.82
CA GLU A 95 7.69 -3.71 21.78
C GLU A 95 6.22 -3.52 22.15
N PHE A 96 5.34 -3.76 21.19
CA PHE A 96 3.90 -3.60 21.42
C PHE A 96 3.19 -4.88 21.07
N PRO A 97 3.38 -5.92 21.88
CA PRO A 97 2.86 -7.25 21.55
C PRO A 97 1.34 -7.31 21.60
N TRP A 98 0.72 -6.28 22.18
CA TRP A 98 -0.73 -6.24 22.28
C TRP A 98 -1.43 -5.91 20.95
N ILE A 99 -0.71 -5.32 20.01
CA ILE A 99 -1.37 -4.95 18.76
C ILE A 99 -1.55 -6.17 17.84
N SER A 100 -2.71 -6.27 17.20
CA SER A 100 -2.94 -7.39 16.28
C SER A 100 -2.07 -7.26 15.06
N SER A 101 -1.85 -8.37 14.35
CA SER A 101 -1.00 -8.36 13.19
C SER A 101 -1.58 -7.47 12.09
N GLY A 102 -2.88 -7.62 11.84
CA GLY A 102 -3.58 -6.82 10.85
C GLY A 102 -3.47 -5.33 11.17
N ASP A 103 -3.68 -4.98 12.43
CA ASP A 103 -3.53 -3.59 12.84
C ASP A 103 -2.11 -3.10 12.62
N LEU A 104 -1.12 -3.93 12.94
CA LEU A 104 0.27 -3.51 12.76
C LEU A 104 0.62 -3.32 11.30
N PHE A 105 0.24 -4.28 10.45
CA PHE A 105 0.61 -4.18 9.04
C PHE A 105 -0.05 -2.95 8.44
N SER A 106 -1.33 -2.75 8.73
CA SER A 106 -2.07 -1.65 8.12
C SER A 106 -1.55 -0.33 8.67
N LEU A 107 -1.28 -0.29 9.97
CA LEU A 107 -0.74 0.92 10.57
C LEU A 107 0.64 1.27 10.01
N GLY A 108 1.41 0.25 9.67
CA GLY A 108 2.72 0.47 9.09
C GLY A 108 2.59 1.26 7.79
N GLY A 109 1.58 0.91 7.01
CA GLY A 109 1.33 1.57 5.75
C GLY A 109 0.90 3.02 5.95
N VAL A 110 -0.02 3.23 6.89
CA VAL A 110 -0.48 4.58 7.21
C VAL A 110 0.68 5.45 7.68
N THR A 111 1.49 4.90 8.58
CA THR A 111 2.64 5.62 9.12
C THR A 111 3.60 6.00 8.00
N ALA A 112 3.90 5.04 7.13
CA ALA A 112 4.82 5.28 6.02
C ALA A 112 4.32 6.42 5.13
N VAL A 113 3.07 6.33 4.67
CA VAL A 113 2.51 7.39 3.85
C VAL A 113 2.63 8.76 4.51
N GLN A 114 2.20 8.86 5.77
CA GLN A 114 2.25 10.14 6.47
C GLN A 114 3.67 10.65 6.66
N GLU A 115 4.57 9.76 7.04
CA GLU A 115 5.95 10.18 7.29
C GLU A 115 6.65 10.58 6.00
N MET A 116 6.23 10.01 4.88
CA MET A 116 6.78 10.39 3.58
C MET A 116 6.08 11.63 3.03
N GLN A 117 5.40 12.35 3.90
CA GLN A 117 4.78 13.63 3.57
C GLN A 117 3.50 13.48 2.74
N GLY A 118 2.88 12.31 2.81
CA GLY A 118 1.63 12.08 2.13
C GLY A 118 0.48 12.65 2.92
N PRO A 119 -0.75 12.37 2.47
CA PRO A 119 -1.94 12.83 3.17
C PRO A 119 -2.10 12.13 4.52
N LYS A 120 -2.83 12.75 5.45
CA LYS A 120 -3.26 12.03 6.64
C LYS A 120 -4.19 10.91 6.18
N ILE A 121 -4.02 9.73 6.76
CA ILE A 121 -4.89 8.60 6.49
C ILE A 121 -5.56 8.17 7.80
N PRO A 122 -6.86 8.45 7.96
CA PRO A 122 -7.54 8.01 9.18
C PRO A 122 -7.44 6.51 9.27
N TRP A 123 -7.28 5.99 10.48
CA TRP A 123 -7.02 4.58 10.67
C TRP A 123 -7.80 4.09 11.88
N ARG A 124 -8.40 2.93 11.75
CA ARG A 124 -9.20 2.38 12.84
C ARG A 124 -8.54 1.09 13.30
N CYS A 125 -8.58 0.85 14.60
CA CYS A 125 -7.98 -0.33 15.18
C CYS A 125 -9.03 -1.40 15.28
N GLY A 126 -8.64 -2.59 15.72
CA GLY A 126 -9.62 -3.62 16.02
C GLY A 126 -9.58 -4.87 15.14
N ARG A 127 -8.63 -4.94 14.20
CA ARG A 127 -8.45 -6.18 13.46
C ARG A 127 -8.01 -7.24 14.47
N VAL A 128 -8.43 -8.49 14.23
CA VAL A 128 -8.17 -9.57 15.18
C VAL A 128 -7.52 -10.73 14.44
N ASP A 129 -6.41 -11.23 14.97
CA ASP A 129 -5.71 -12.33 14.33
C ASP A 129 -6.63 -13.53 14.17
N THR A 130 -6.58 -14.15 13.00
CA THR A 130 -7.36 -15.35 12.75
C THR A 130 -6.42 -16.51 12.42
N PRO A 131 -6.91 -17.74 12.58
CA PRO A 131 -6.10 -18.96 12.50
C PRO A 131 -5.51 -19.18 11.11
N GLU A 132 -4.53 -20.06 11.03
CA GLU A 132 -3.81 -20.30 9.80
C GLU A 132 -4.74 -20.79 8.68
N ASP A 133 -5.78 -21.51 9.04
CA ASP A 133 -6.69 -22.04 8.02
C ASP A 133 -7.53 -20.95 7.34
N THR A 134 -7.47 -19.72 7.86
CA THR A 134 -8.20 -18.61 7.23
C THR A 134 -7.32 -17.83 6.25
N THR A 135 -6.09 -18.28 6.07
CA THR A 135 -5.18 -17.61 5.14
C THR A 135 -5.68 -17.80 3.72
N PRO A 136 -5.84 -16.71 2.96
CA PRO A 136 -6.30 -16.88 1.58
C PRO A 136 -5.23 -17.55 0.73
N ASP A 137 -5.63 -18.33 -0.26
CA ASP A 137 -4.69 -18.93 -1.21
C ASP A 137 -3.95 -17.85 -2.00
N ASN A 138 -2.78 -18.18 -2.51
CA ASN A 138 -2.04 -17.32 -3.42
C ASN A 138 -2.84 -17.03 -4.68
N GLY A 139 -2.55 -15.90 -5.32
CA GLY A 139 -3.15 -15.61 -6.62
C GLY A 139 -4.28 -14.59 -6.61
N ARG A 140 -4.48 -13.93 -5.47
CA ARG A 140 -5.52 -12.90 -5.39
C ARG A 140 -4.99 -11.50 -5.66
N LEU A 141 -3.68 -11.36 -5.66
CA LEU A 141 -3.05 -10.06 -5.96
C LEU A 141 -2.85 -9.90 -7.48
N PRO A 142 -2.81 -8.64 -7.97
CA PRO A 142 -2.91 -8.43 -9.43
C PRO A 142 -1.62 -8.69 -10.21
N ASP A 143 -1.78 -9.13 -11.46
CA ASP A 143 -0.67 -9.25 -12.40
C ASP A 143 -0.32 -7.87 -12.94
N ALA A 144 0.94 -7.66 -13.29
CA ALA A 144 1.38 -6.36 -13.78
C ALA A 144 1.46 -6.28 -15.31
N ASP A 145 1.31 -7.41 -15.98
CA ASP A 145 1.55 -7.47 -17.42
C ASP A 145 0.26 -7.33 -18.21
N LYS A 146 -0.76 -6.76 -17.61
CA LYS A 146 -2.11 -6.74 -18.19
C LYS A 146 -2.55 -5.33 -18.59
N ASP A 147 -3.78 -5.23 -19.09
CA ASP A 147 -4.27 -3.96 -19.63
C ASP A 147 -5.35 -3.34 -18.74
N ALA A 148 -5.89 -2.21 -19.17
CA ALA A 148 -6.87 -1.47 -18.37
C ALA A 148 -8.10 -2.31 -18.02
N GLY A 149 -8.56 -3.12 -18.98
CA GLY A 149 -9.74 -3.93 -18.73
C GLY A 149 -9.48 -4.90 -17.58
N TYR A 150 -8.28 -5.44 -17.54
CA TYR A 150 -7.90 -6.35 -16.47
C TYR A 150 -7.89 -5.63 -15.12
N VAL A 151 -7.26 -4.46 -15.10
CA VAL A 151 -7.16 -3.67 -13.87
C VAL A 151 -8.55 -3.31 -13.34
N ARG A 152 -9.43 -2.87 -14.23
CA ARG A 152 -10.77 -2.47 -13.83
C ARG A 152 -11.55 -3.65 -13.23
N THR A 153 -11.52 -4.77 -13.92
CA THR A 153 -12.22 -5.95 -13.43
C THR A 153 -11.59 -6.47 -12.15
N PHE A 154 -10.27 -6.44 -12.08
CA PHE A 154 -9.58 -6.94 -10.90
C PHE A 154 -10.06 -6.19 -9.67
N PHE A 155 -10.07 -4.86 -9.76
CA PHE A 155 -10.41 -4.03 -8.62
C PHE A 155 -11.88 -4.05 -8.23
N GLN A 156 -12.74 -4.52 -9.12
CA GLN A 156 -14.14 -4.70 -8.73
C GLN A 156 -14.27 -5.71 -7.59
N ARG A 157 -13.37 -6.68 -7.56
CA ARG A 157 -13.38 -7.67 -6.48
C ARG A 157 -13.12 -7.02 -5.12
N LEU A 158 -12.40 -5.90 -5.14
CA LEU A 158 -12.05 -5.15 -3.93
C LEU A 158 -13.01 -3.97 -3.73
N ASN A 159 -14.10 -4.00 -4.49
CA ASN A 159 -15.10 -2.93 -4.46
C ASN A 159 -14.54 -1.54 -4.71
N MET A 160 -13.56 -1.45 -5.62
CA MET A 160 -13.00 -0.16 -6.01
C MET A 160 -13.47 0.25 -7.41
N ASN A 161 -13.84 1.52 -7.56
CA ASN A 161 -14.27 2.06 -8.84
C ASN A 161 -13.11 2.72 -9.59
N ASP A 162 -13.39 3.32 -10.74
CA ASP A 162 -12.31 3.93 -11.53
C ASP A 162 -11.48 4.96 -10.76
N ARG A 163 -12.14 5.88 -10.07
CA ARG A 163 -11.41 6.94 -9.37
C ARG A 163 -10.57 6.36 -8.24
N GLU A 164 -11.13 5.37 -7.54
CA GLU A 164 -10.42 4.74 -6.42
C GLU A 164 -9.19 3.98 -6.93
N VAL A 165 -9.35 3.28 -8.03
CA VAL A 165 -8.23 2.56 -8.65
C VAL A 165 -7.13 3.54 -9.08
N VAL A 166 -7.51 4.61 -9.78
CA VAL A 166 -6.50 5.55 -10.25
C VAL A 166 -5.79 6.25 -9.07
N ALA A 167 -6.55 6.62 -8.05
CA ALA A 167 -5.96 7.21 -6.86
C ALA A 167 -5.00 6.23 -6.16
N LEU A 168 -5.45 5.01 -5.93
CA LEU A 168 -4.59 4.05 -5.24
C LEU A 168 -3.29 3.84 -6.00
N MET A 169 -3.37 3.75 -7.33
CA MET A 169 -2.17 3.49 -8.13
C MET A 169 -1.13 4.59 -7.99
N GLY A 170 -1.54 5.75 -7.50
CA GLY A 170 -0.62 6.87 -7.28
C GLY A 170 0.49 6.51 -6.30
N ALA A 171 0.26 5.48 -5.49
CA ALA A 171 1.30 4.99 -4.59
C ALA A 171 2.54 4.53 -5.36
N HIS A 172 2.39 4.29 -6.66
CA HIS A 172 3.53 3.90 -7.48
C HIS A 172 4.50 5.04 -7.77
N ALA A 173 4.25 6.20 -7.18
CA ALA A 173 5.27 7.25 -7.13
C ALA A 173 6.41 6.77 -6.23
N LEU A 174 6.12 5.79 -5.39
CA LEU A 174 7.03 5.40 -4.32
C LEU A 174 7.94 4.26 -4.72
N GLY A 175 9.19 4.35 -4.29
CA GLY A 175 10.11 3.24 -4.36
C GLY A 175 10.43 2.83 -5.78
N LYS A 176 10.65 1.54 -5.97
CA LYS A 176 11.02 1.04 -7.28
C LYS A 176 10.65 -0.42 -7.42
N THR A 177 10.81 -0.94 -8.63
CA THR A 177 10.63 -2.35 -8.87
C THR A 177 11.99 -3.00 -8.77
N HIS A 178 11.99 -4.28 -8.40
CA HIS A 178 13.22 -5.03 -8.21
C HIS A 178 13.09 -6.30 -9.02
N LEU A 179 13.99 -6.49 -9.96
CA LEU A 179 13.89 -7.62 -10.87
C LEU A 179 13.69 -8.95 -10.15
N LYS A 180 14.45 -9.16 -9.09
N LYS A 180 14.45 -9.17 -9.08
CA LYS A 180 14.40 -10.42 -8.34
CA LYS A 180 14.39 -10.44 -8.35
C LYS A 180 13.04 -10.61 -7.67
C LYS A 180 13.12 -10.59 -7.50
N ASN A 181 12.38 -9.51 -7.35
CA ASN A 181 11.08 -9.57 -6.67
C ASN A 181 9.95 -9.88 -7.63
N SER A 182 9.87 -9.10 -8.71
CA SER A 182 8.66 -9.06 -9.52
C SER A 182 8.90 -9.28 -11.01
N GLY A 183 10.15 -9.28 -11.44
CA GLY A 183 10.46 -9.39 -12.85
C GLY A 183 10.37 -8.07 -13.57
N TYR A 184 10.38 -6.99 -12.79
CA TYR A 184 10.42 -5.63 -13.31
C TYR A 184 11.55 -4.87 -12.64
N GLU A 185 12.17 -3.94 -13.34
CA GLU A 185 13.32 -3.26 -12.77
C GLU A 185 13.29 -1.75 -12.97
N GLY A 186 13.69 -1.01 -11.94
CA GLY A 186 13.90 0.42 -12.08
C GLY A 186 12.77 1.28 -11.54
N GLY A 187 12.86 2.57 -11.82
CA GLY A 187 11.90 3.51 -11.27
C GLY A 187 12.57 4.64 -10.52
N GLY A 188 11.75 5.59 -10.06
CA GLY A 188 12.21 6.84 -9.49
C GLY A 188 13.00 6.74 -8.20
N ALA A 189 12.77 5.68 -7.43
CA ALA A 189 13.49 5.49 -6.16
C ALA A 189 13.13 6.59 -5.16
N ASN A 190 11.97 7.20 -5.35
N ASN A 190 11.93 7.13 -5.32
CA ASN A 190 11.54 8.27 -4.44
CA ASN A 190 11.45 8.24 -4.51
C ASN A 190 10.97 7.71 -3.15
C ASN A 190 10.82 7.78 -3.19
N ASN A 191 11.09 8.50 -2.10
CA ASN A 191 10.49 8.16 -0.81
C ASN A 191 9.71 9.35 -0.24
N VAL A 192 9.25 10.21 -1.15
CA VAL A 192 8.37 11.31 -0.78
C VAL A 192 7.07 11.09 -1.51
N PHE A 193 5.96 11.17 -0.77
CA PHE A 193 4.65 10.90 -1.36
C PHE A 193 4.13 12.16 -2.04
N THR A 194 4.05 12.12 -3.38
CA THR A 194 3.49 13.22 -4.14
C THR A 194 2.62 12.65 -5.25
N ASN A 195 2.07 13.53 -6.08
CA ASN A 195 1.28 13.09 -7.23
C ASN A 195 2.13 12.90 -8.47
N GLU A 196 3.43 12.68 -8.28
CA GLU A 196 4.34 12.59 -9.42
C GLU A 196 4.08 11.41 -10.35
N PHE A 197 3.44 10.36 -9.86
CA PHE A 197 3.10 9.21 -10.69
C PHE A 197 2.31 9.67 -11.90
N TYR A 198 1.36 10.57 -11.67
CA TYR A 198 0.48 11.05 -12.74
C TYR A 198 1.20 12.02 -13.68
N LEU A 199 2.05 12.87 -13.10
CA LEU A 199 2.83 13.79 -13.92
C LEU A 199 3.81 13.01 -14.80
N ASN A 200 4.44 11.99 -14.23
CA ASN A 200 5.34 11.16 -15.01
C ASN A 200 4.60 10.45 -16.14
N LEU A 201 3.45 9.86 -15.84
CA LEU A 201 2.65 9.19 -16.87
C LEU A 201 2.39 10.13 -18.05
N LEU A 202 2.01 11.37 -17.74
CA LEU A 202 1.59 12.32 -18.77
C LEU A 202 2.75 13.00 -19.47
N ASN A 203 3.84 13.21 -18.74
CA ASN A 203 4.90 14.08 -19.23
C ASN A 203 6.16 13.39 -19.78
N GLU A 204 6.38 12.14 -19.39
CA GLU A 204 7.58 11.44 -19.82
C GLU A 204 7.43 10.86 -21.21
N ASP A 205 8.57 10.70 -21.90
CA ASP A 205 8.55 10.09 -23.23
C ASP A 205 8.75 8.59 -23.05
N TRP A 206 7.66 7.84 -23.02
CA TRP A 206 7.73 6.43 -22.66
C TRP A 206 8.08 5.53 -23.84
N LYS A 207 8.99 4.59 -23.61
CA LYS A 207 9.35 3.60 -24.61
C LYS A 207 9.06 2.20 -24.07
N LEU A 208 8.34 1.39 -24.85
CA LEU A 208 8.04 0.03 -24.45
C LEU A 208 9.29 -0.82 -24.69
N GLU A 209 9.90 -1.31 -23.61
CA GLU A 209 11.14 -2.06 -23.71
C GLU A 209 11.02 -3.40 -23.02
N LYS A 210 11.98 -4.27 -23.27
N LYS A 210 11.97 -4.28 -23.27
CA LYS A 210 12.08 -5.51 -22.53
CA LYS A 210 12.08 -5.52 -22.54
C LYS A 210 13.19 -5.42 -21.49
C LYS A 210 13.18 -5.41 -21.49
N ASN A 211 12.89 -5.88 -20.28
CA ASN A 211 13.88 -5.84 -19.22
C ASN A 211 14.65 -7.15 -19.19
N ASP A 212 15.60 -7.26 -18.26
CA ASP A 212 16.46 -8.44 -18.20
C ASP A 212 15.74 -9.72 -17.81
N ALA A 213 14.47 -9.61 -17.43
CA ALA A 213 13.70 -10.80 -17.10
C ALA A 213 12.82 -11.18 -18.28
N ASN A 214 13.03 -10.48 -19.40
CA ASN A 214 12.26 -10.68 -20.62
C ASN A 214 10.79 -10.25 -20.51
N ASN A 215 10.51 -9.32 -19.61
CA ASN A 215 9.18 -8.76 -19.49
C ASN A 215 9.13 -7.36 -20.05
N GLU A 216 8.00 -6.98 -20.64
CA GLU A 216 7.87 -5.64 -21.18
C GLU A 216 7.55 -4.64 -20.07
N GLN A 217 8.16 -3.48 -20.15
CA GLN A 217 7.84 -2.38 -19.26
C GLN A 217 8.11 -1.07 -20.01
N TRP A 218 7.47 -0.01 -19.57
CA TRP A 218 7.63 1.28 -20.20
C TRP A 218 8.71 2.08 -19.49
N ASP A 219 9.68 2.57 -20.26
CA ASP A 219 10.83 3.25 -19.69
C ASP A 219 10.97 4.65 -20.27
N SER A 220 11.52 5.56 -19.47
CA SER A 220 11.85 6.90 -19.97
C SER A 220 13.33 7.16 -19.79
N LYS A 221 13.88 8.08 -20.59
CA LYS A 221 15.31 8.36 -20.53
C LYS A 221 15.67 8.98 -19.20
N SER A 222 14.69 9.62 -18.56
CA SER A 222 14.87 10.22 -17.25
C SER A 222 15.11 9.15 -16.18
N GLY A 223 14.81 7.90 -16.52
CA GLY A 223 15.02 6.81 -15.59
C GLY A 223 13.77 6.28 -14.89
N TYR A 224 12.61 6.83 -15.24
CA TYR A 224 11.36 6.34 -14.68
C TYR A 224 10.92 5.08 -15.43
N MET A 225 10.01 4.33 -14.83
CA MET A 225 9.42 3.19 -15.51
C MET A 225 7.97 3.08 -15.10
N MET A 226 7.18 2.41 -15.94
CA MET A 226 5.79 2.14 -15.66
C MET A 226 5.53 0.68 -16.02
N LEU A 227 4.81 -0.02 -15.15
CA LEU A 227 4.32 -1.36 -15.48
C LEU A 227 3.28 -1.21 -16.57
N PRO A 228 3.04 -2.29 -17.33
CA PRO A 228 1.95 -2.26 -18.31
C PRO A 228 0.65 -1.83 -17.65
N THR A 229 0.35 -2.33 -16.46
CA THR A 229 -0.87 -1.92 -15.75
C THR A 229 -0.86 -0.44 -15.38
N ASP A 230 0.32 0.12 -15.09
CA ASP A 230 0.46 1.55 -14.84
C ASP A 230 0.12 2.32 -16.10
N TYR A 231 0.78 1.95 -17.18
CA TYR A 231 0.62 2.64 -18.45
C TYR A 231 -0.83 2.54 -18.94
N SER A 232 -1.53 1.48 -18.55
CA SER A 232 -2.91 1.29 -19.00
C SER A 232 -3.81 2.44 -18.53
N LEU A 233 -3.37 3.16 -17.51
CA LEU A 233 -4.17 4.27 -16.96
C LEU A 233 -4.20 5.47 -17.91
N ILE A 234 -3.26 5.53 -18.84
CA ILE A 234 -3.33 6.59 -19.86
C ILE A 234 -3.78 6.04 -21.22
N GLN A 235 -3.92 4.73 -21.32
CA GLN A 235 -4.46 4.10 -22.53
C GLN A 235 -5.99 4.04 -22.51
N ASP A 236 -6.56 3.92 -21.33
CA ASP A 236 -8.00 3.85 -21.18
C ASP A 236 -8.51 5.27 -20.98
N PRO A 237 -9.49 5.70 -21.79
CA PRO A 237 -9.90 7.10 -21.75
C PRO A 237 -10.54 7.53 -20.42
N LYS A 238 -11.20 6.60 -19.74
CA LYS A 238 -11.81 6.93 -18.46
C LYS A 238 -10.74 7.11 -17.40
N TYR A 239 -9.76 6.21 -17.40
CA TYR A 239 -8.65 6.31 -16.47
C TYR A 239 -7.84 7.58 -16.77
N LEU A 240 -7.62 7.83 -18.06
CA LEU A 240 -6.82 8.99 -18.47
C LEU A 240 -7.36 10.31 -17.92
N SER A 241 -8.68 10.48 -17.94
CA SER A 241 -9.29 11.71 -17.41
C SER A 241 -8.93 11.89 -15.94
N ILE A 242 -8.93 10.79 -15.20
CA ILE A 242 -8.67 10.86 -13.78
C ILE A 242 -7.19 11.10 -13.53
N VAL A 243 -6.34 10.46 -14.32
CA VAL A 243 -4.90 10.71 -14.25
C VAL A 243 -4.62 12.19 -14.43
N LYS A 244 -5.27 12.80 -15.42
CA LYS A 244 -5.06 14.22 -15.68
C LYS A 244 -5.52 15.06 -14.51
N GLU A 245 -6.63 14.65 -13.88
N GLU A 245 -6.63 14.66 -13.89
CA GLU A 245 -7.16 15.38 -12.74
CA GLU A 245 -7.17 15.37 -12.74
C GLU A 245 -6.17 15.41 -11.58
C GLU A 245 -6.14 15.41 -11.60
N TYR A 246 -5.58 14.26 -11.27
CA TYR A 246 -4.65 14.15 -10.16
C TYR A 246 -3.32 14.79 -10.49
N ALA A 247 -2.94 14.77 -11.76
CA ALA A 247 -1.71 15.42 -12.20
C ALA A 247 -1.80 16.93 -12.03
N ASN A 248 -3.02 17.44 -11.99
CA ASN A 248 -3.24 18.87 -11.91
C ASN A 248 -3.82 19.37 -10.61
N ASP A 249 -3.91 18.46 -9.64
CA ASP A 249 -4.47 18.85 -8.36
C ASP A 249 -3.92 17.96 -7.25
N GLN A 250 -2.79 18.36 -6.68
CA GLN A 250 -2.17 17.62 -5.59
C GLN A 250 -3.13 17.37 -4.41
N ASP A 251 -3.88 18.39 -4.01
CA ASP A 251 -4.77 18.25 -2.87
C ASP A 251 -5.88 17.22 -3.13
N LYS A 252 -6.45 17.27 -4.32
CA LYS A 252 -7.49 16.32 -4.69
C LYS A 252 -6.95 14.89 -4.68
N PHE A 253 -5.78 14.70 -5.24
CA PHE A 253 -5.14 13.38 -5.18
C PHE A 253 -4.97 12.92 -3.75
N PHE A 254 -4.42 13.80 -2.90
CA PHE A 254 -4.21 13.47 -1.49
C PHE A 254 -5.50 13.03 -0.81
N LYS A 255 -6.56 13.80 -1.00
CA LYS A 255 -7.85 13.50 -0.37
C LYS A 255 -8.46 12.20 -0.86
N ASP A 256 -8.38 11.97 -2.17
CA ASP A 256 -8.94 10.77 -2.76
C ASP A 256 -8.12 9.53 -2.41
N PHE A 257 -6.80 9.67 -2.42
CA PHE A 257 -5.95 8.55 -2.03
C PHE A 257 -6.22 8.18 -0.57
N SER A 258 -6.34 9.19 0.27
CA SER A 258 -6.56 8.96 1.70
C SER A 258 -7.83 8.13 1.92
N LYS A 259 -8.92 8.56 1.29
CA LYS A 259 -10.17 7.81 1.38
C LYS A 259 -10.03 6.39 0.83
N ALA A 260 -9.43 6.25 -0.35
CA ALA A 260 -9.34 4.95 -1.00
C ALA A 260 -8.43 4.01 -0.22
N PHE A 261 -7.35 4.55 0.32
CA PHE A 261 -6.39 3.75 1.05
C PHE A 261 -7.00 3.28 2.36
N GLU A 262 -7.72 4.18 3.04
CA GLU A 262 -8.39 3.74 4.26
C GLU A 262 -9.42 2.66 3.95
N LYS A 263 -10.20 2.87 2.90
CA LYS A 263 -11.21 1.90 2.49
C LYS A 263 -10.57 0.55 2.20
N LEU A 264 -9.47 0.58 1.44
CA LEU A 264 -8.73 -0.62 1.12
C LEU A 264 -8.34 -1.37 2.40
N LEU A 265 -7.79 -0.64 3.36
CA LEU A 265 -7.31 -1.23 4.60
C LEU A 265 -8.46 -1.69 5.51
N GLU A 266 -9.67 -1.20 5.26
CA GLU A 266 -10.81 -1.53 6.10
C GLU A 266 -11.82 -2.49 5.46
N ASN A 267 -11.63 -2.81 4.18
CA ASN A 267 -12.52 -3.75 3.50
C ASN A 267 -12.63 -5.05 4.29
N GLY A 268 -13.85 -5.54 4.45
CA GLY A 268 -14.10 -6.81 5.10
C GLY A 268 -14.37 -6.69 6.60
N ILE A 269 -14.12 -5.50 7.15
CA ILE A 269 -14.27 -5.31 8.59
C ILE A 269 -15.59 -4.64 8.96
N THR A 270 -16.33 -5.25 9.88
CA THR A 270 -17.51 -4.60 10.45
C THR A 270 -17.14 -3.83 11.71
N PHE A 271 -17.38 -2.53 11.70
CA PHE A 271 -17.12 -1.70 12.88
C PHE A 271 -18.41 -1.49 13.65
N PRO A 272 -18.46 -1.97 14.90
CA PRO A 272 -19.64 -1.73 15.74
C PRO A 272 -19.99 -0.24 15.76
N LYS A 273 -21.27 0.07 15.95
CA LYS A 273 -21.71 1.47 15.93
C LYS A 273 -21.03 2.29 17.02
N ASP A 274 -20.65 1.61 18.09
CA ASP A 274 -19.98 2.28 19.21
C ASP A 274 -18.45 2.07 19.20
N ALA A 275 -17.91 1.70 18.05
CA ALA A 275 -16.45 1.64 17.91
C ALA A 275 -15.87 3.04 18.00
N PRO A 276 -14.58 3.16 18.37
CA PRO A 276 -13.97 4.49 18.36
C PRO A 276 -14.04 5.07 16.96
N SER A 277 -14.07 6.38 16.84
CA SER A 277 -13.94 7.00 15.54
C SER A 277 -12.52 6.72 15.05
N PRO A 278 -12.31 6.85 13.74
CA PRO A 278 -10.96 6.65 13.17
C PRO A 278 -9.97 7.60 13.81
N PHE A 279 -8.75 7.12 14.03
CA PHE A 279 -7.70 7.95 14.59
C PHE A 279 -6.96 8.68 13.46
N ILE A 280 -6.59 9.92 13.69
CA ILE A 280 -5.67 10.60 12.79
C ILE A 280 -4.38 10.88 13.53
N PHE A 281 -3.32 10.18 13.16
CA PHE A 281 -2.08 10.28 13.91
C PHE A 281 -1.25 11.49 13.49
N LYS A 282 -0.60 12.10 14.47
N LYS A 282 -0.61 12.11 14.47
CA LYS A 282 0.32 13.19 14.21
CA LYS A 282 0.31 13.21 14.20
C LYS A 282 1.63 12.62 13.70
C LYS A 282 1.63 12.62 13.71
N THR A 283 2.26 13.31 12.76
CA THR A 283 3.57 12.89 12.28
C THR A 283 4.60 13.20 13.36
N LEU A 284 5.80 12.62 13.24
CA LEU A 284 6.86 12.96 14.16
C LEU A 284 7.12 14.46 14.10
N GLU A 285 7.14 14.97 12.88
CA GLU A 285 7.37 16.38 12.66
C GLU A 285 6.33 17.26 13.36
N GLU A 286 5.06 16.86 13.29
CA GLU A 286 4.02 17.63 14.00
C GLU A 286 4.20 17.56 15.52
N GLN A 287 4.83 16.49 15.99
CA GLN A 287 5.04 16.33 17.42
C GLN A 287 6.35 16.94 17.89
N GLY A 288 7.15 17.42 16.96
CA GLY A 288 8.47 17.94 17.30
C GLY A 288 9.39 16.83 17.73
N LEU A 289 9.11 15.61 17.24
CA LEU A 289 9.91 14.45 17.57
C LEU A 289 10.85 14.09 16.44
CHA HEM B . 5.62 -1.92 -6.21
CHB HEM B . 2.44 -4.18 -9.10
CHC HEM B . -1.17 -1.62 -7.12
CHD HEM B . 1.90 0.13 -3.82
C1A HEM B . 5.07 -2.75 -7.15
C2A HEM B . 5.79 -3.73 -7.94
C3A HEM B . 4.92 -4.36 -8.73
C4A HEM B . 3.60 -3.80 -8.47
CMA HEM B . 5.23 -5.48 -9.75
CAA HEM B . 7.30 -4.00 -7.85
CBA HEM B . 7.57 -4.86 -6.63
CGA HEM B . 9.05 -5.12 -6.55
O1A HEM B . 9.61 -5.64 -7.54
O2A HEM B . 9.67 -4.82 -5.50
C1B HEM B . 1.20 -3.64 -8.87
C2B HEM B . 0.02 -3.86 -9.66
C3B HEM B . -0.99 -3.17 -9.11
C4B HEM B . -0.46 -2.45 -7.97
CMB HEM B . -0.05 -4.78 -10.90
CAB HEM B . -2.45 -3.07 -9.60
CBB HEM B . -2.74 -3.37 -10.88
C1C HEM B . -0.68 -0.99 -6.01
C2C HEM B . -1.44 -0.28 -5.01
C3C HEM B . -0.59 0.18 -4.08
C4C HEM B . 0.75 -0.18 -4.49
CMC HEM B . -2.99 -0.15 -5.03
CAC HEM B . -0.88 1.02 -2.81
CBC HEM B . -2.00 1.72 -2.68
C1D HEM B . 3.17 -0.17 -4.21
C2D HEM B . 4.36 0.39 -3.61
C3D HEM B . 5.53 -0.25 -4.36
C4D HEM B . 4.94 -1.14 -5.32
CMD HEM B . 4.44 1.43 -2.47
CAD HEM B . 7.04 0.01 -4.12
CBD HEM B . 7.55 -1.10 -3.21
CGD HEM B . 9.02 -0.91 -2.92
O1D HEM B . 9.63 -1.84 -2.33
O2D HEM B . 9.57 0.14 -3.29
NA HEM B . 3.74 -2.83 -7.51
NB HEM B . 0.88 -2.78 -7.84
NC HEM B . 0.66 -0.91 -5.66
ND HEM B . 3.55 -1.07 -5.20
FE HEM B . 2.19 -1.86 -6.59
C01 1MJ C . 6.34 0.64 -8.60
C02 1MJ C . 5.48 0.17 -9.56
N03 1MJ C . 5.50 0.98 -10.65
C04 1MJ C . 6.37 1.96 -10.42
C05 1MJ C . 6.93 1.80 -9.14
N06 1MJ C . 7.84 2.65 -8.66
C07 1MJ C . 8.24 3.71 -9.39
C08 1MJ C . 7.73 3.95 -10.68
C09 1MJ C . 6.78 3.05 -11.18
C10 1MJ C . 8.14 5.12 -11.50
O11 1MJ C . 9.31 5.27 -11.74
H1 1MJ C . 6.53 0.25 -7.74
H2 1MJ C . 4.92 -0.63 -9.48
H3 1MJ C . 5.02 0.88 -11.41
H4 1MJ C . 8.89 4.32 -9.02
H5 1MJ C . 6.42 3.19 -12.05
H7 1MJ C . 7.56 5.86 -11.56
#